data_6PMC
#
_entry.id   6PMC
#
_cell.length_a   52.657
_cell.length_b   52.657
_cell.length_c   233.544
_cell.angle_alpha   90.000
_cell.angle_beta   90.000
_cell.angle_gamma   120.000
#
_symmetry.space_group_name_H-M   'P 31 1 2'
#
loop_
_entity.id
_entity.type
_entity.pdbx_description
1 polymer 'High affinity nerve growth factor receptor'
2 non-polymer N-(6-{[(5-chloro-2-methoxyphenyl)carbamoyl]amino}-1,3-benzothiazol-2-yl)benzamide
3 water water
#
_entity_poly.entity_id   1
_entity_poly.type   'polypeptide(L)'
_entity_poly.pdbx_seq_one_letter_code
;GLQGHIIENPQYFSDACVHHIKRRDIVLKWELGEGAFGKVFLAECHNLLPEQDKMLVAVKALKEASESARQDFQREAELL
TMLQHQHIVRFFGVCTEGRPLLMVFEYMRHGDLNRFLRSHGPDAKLLAGGEDVAPGPLGLGQLLAVASQVAAGMVYLAGL
HFVHRDLATRNCLVGQGLVVKIGDFGMSRDIY(SEP)TDYYRVGGRTMLPIRWMPPESILYRKFTTESDVWSFGVVLWEI
FTYGKQPWYQLSNTEAIDCITQGRELERPRACPPEVYAIMRGCWQREPQQRHSIKDVHARLQALAQAPPVYLDVL
;
_entity_poly.pdbx_strand_id   A
#
loop_
_chem_comp.id
_chem_comp.type
_chem_comp.name
_chem_comp.formula
OQJ non-polymer N-(6-{[(5-chloro-2-methoxyphenyl)carbamoyl]amino}-1,3-benzothiazol-2-yl)benzamide 'C22 H17 Cl N4 O3 S'
#
# COMPACT_ATOMS: atom_id res chain seq x y z
N ALA A 16 24.64 -5.87 -6.95
CA ALA A 16 23.63 -6.80 -6.34
C ALA A 16 24.17 -7.41 -5.03
N CYS A 17 24.05 -6.67 -3.92
CA CYS A 17 24.18 -7.17 -2.52
C CYS A 17 22.81 -7.72 -2.08
N VAL A 18 22.28 -8.64 -2.90
CA VAL A 18 20.93 -9.26 -2.81
C VAL A 18 21.12 -10.69 -2.25
N HIS A 19 20.33 -11.06 -1.25
CA HIS A 19 20.37 -12.39 -0.60
C HIS A 19 19.75 -13.43 -1.57
N HIS A 20 20.14 -14.70 -1.44
CA HIS A 20 19.73 -15.81 -2.34
C HIS A 20 19.27 -17.01 -1.53
N ILE A 21 18.26 -17.71 -2.04
CA ILE A 21 17.66 -18.90 -1.37
C ILE A 21 17.66 -20.07 -2.36
N LYS A 22 17.96 -21.28 -1.87
CA LYS A 22 18.13 -22.46 -2.75
C LYS A 22 16.74 -23.04 -3.03
N ARG A 23 16.52 -23.52 -4.26
CA ARG A 23 15.24 -24.09 -4.74
C ARG A 23 14.72 -25.18 -3.76
N ARG A 24 15.60 -25.91 -3.08
CA ARG A 24 15.19 -27.13 -2.35
C ARG A 24 14.61 -26.71 -1.01
N ASP A 25 14.93 -25.49 -0.54
CA ASP A 25 14.47 -24.88 0.74
C ASP A 25 13.05 -24.31 0.60
N ILE A 26 12.50 -24.23 -0.62
CA ILE A 26 11.16 -23.66 -0.93
C ILE A 26 10.24 -24.81 -1.36
N VAL A 27 9.08 -24.98 -0.70
CA VAL A 27 8.06 -26.02 -1.03
C VAL A 27 6.72 -25.33 -1.29
N LEU A 28 6.22 -25.34 -2.54
CA LEU A 28 5.01 -24.64 -2.99
C LEU A 28 3.80 -25.39 -2.40
N LYS A 29 2.77 -24.69 -1.88
CA LYS A 29 1.54 -25.34 -1.34
C LYS A 29 0.37 -25.05 -2.27
N TRP A 30 0.13 -23.81 -2.64
CA TRP A 30 -0.99 -23.53 -3.56
C TRP A 30 -0.92 -22.06 -3.95
N GLU A 31 -1.70 -21.70 -4.97
CA GLU A 31 -1.79 -20.37 -5.58
C GLU A 31 -2.58 -19.46 -4.66
N LEU A 32 -2.14 -18.22 -4.54
CA LEU A 32 -2.85 -17.17 -3.77
C LEU A 32 -3.43 -16.16 -4.75
N GLY A 33 -2.76 -15.88 -5.89
CA GLY A 33 -3.23 -14.79 -6.80
C GLY A 33 -2.40 -14.68 -8.06
N GLU A 34 -2.80 -13.77 -8.97
CA GLU A 34 -2.30 -13.75 -10.37
C GLU A 34 -2.48 -12.37 -11.01
N GLY A 35 -1.41 -11.86 -11.63
CA GLY A 35 -1.42 -10.71 -12.57
C GLY A 35 -1.04 -11.14 -13.98
N ALA A 36 -0.88 -10.19 -14.90
CA ALA A 36 -0.42 -10.47 -16.28
C ALA A 36 1.06 -10.94 -16.25
N PHE A 37 1.93 -10.30 -15.44
CA PHE A 37 3.42 -10.51 -15.41
C PHE A 37 3.87 -11.32 -14.16
N GLY A 38 2.95 -11.92 -13.38
CA GLY A 38 3.33 -12.76 -12.22
C GLY A 38 2.23 -13.66 -11.64
N LYS A 39 2.64 -14.59 -10.77
CA LYS A 39 1.79 -15.49 -9.93
C LYS A 39 2.40 -15.48 -8.54
N VAL A 40 1.55 -15.52 -7.51
CA VAL A 40 1.93 -15.60 -6.08
C VAL A 40 1.47 -16.96 -5.52
N PHE A 41 2.35 -17.63 -4.78
CA PHE A 41 2.09 -18.92 -4.10
C PHE A 41 2.35 -18.74 -2.60
N LEU A 42 1.59 -19.50 -1.81
CA LEU A 42 1.99 -19.84 -0.41
C LEU A 42 2.96 -21.03 -0.48
N ALA A 43 4.03 -20.93 0.30
CA ALA A 43 5.09 -21.95 0.38
C ALA A 43 5.66 -22.05 1.81
N GLU A 44 6.35 -23.14 2.10
CA GLU A 44 7.20 -23.32 3.29
C GLU A 44 8.66 -23.08 2.88
N CYS A 45 9.40 -22.29 3.65
CA CYS A 45 10.82 -21.97 3.43
C CYS A 45 11.64 -22.49 4.59
N HIS A 46 12.59 -23.40 4.33
CA HIS A 46 13.39 -24.09 5.38
C HIS A 46 14.67 -23.29 5.63
N ASN A 47 15.14 -23.30 6.87
CA ASN A 47 16.44 -22.69 7.23
C ASN A 47 16.43 -21.20 6.83
N LEU A 48 15.30 -20.54 6.89
CA LEU A 48 15.35 -19.10 6.53
C LEU A 48 15.65 -18.31 7.79
N LEU A 49 15.02 -18.58 8.94
CA LEU A 49 15.26 -17.79 10.17
C LEU A 49 15.83 -18.69 11.26
N PRO A 50 16.89 -18.23 11.98
CA PRO A 50 17.51 -19.05 13.00
C PRO A 50 16.46 -19.94 13.71
N GLU A 51 15.53 -19.31 14.45
CA GLU A 51 14.72 -19.95 15.52
C GLU A 51 13.40 -20.52 14.98
N GLN A 52 13.01 -20.22 13.74
CA GLN A 52 12.10 -21.10 12.95
C GLN A 52 12.94 -21.86 11.91
N ASP A 53 12.86 -23.20 11.96
CA ASP A 53 13.42 -24.13 10.94
C ASP A 53 12.34 -24.41 9.87
N LYS A 54 11.09 -23.99 10.13
CA LYS A 54 9.97 -24.06 9.15
C LYS A 54 9.03 -22.86 9.36
N MET A 55 8.78 -22.07 8.30
CA MET A 55 7.86 -20.91 8.32
C MET A 55 7.19 -20.74 6.95
N LEU A 56 6.03 -20.11 6.94
CA LEU A 56 5.24 -19.78 5.75
C LEU A 56 5.69 -18.45 5.12
N VAL A 57 5.72 -18.40 3.79
CA VAL A 57 6.05 -17.20 2.95
C VAL A 57 5.16 -17.19 1.71
N ALA A 58 5.05 -15.99 1.13
CA ALA A 58 4.44 -15.67 -0.19
C ALA A 58 5.54 -15.53 -1.23
N VAL A 59 5.47 -16.28 -2.30
CA VAL A 59 6.47 -16.42 -3.39
C VAL A 59 5.92 -15.88 -4.73
N LYS A 60 6.63 -14.95 -5.40
CA LYS A 60 6.19 -14.40 -6.70
C LYS A 60 7.08 -15.02 -7.77
N ALA A 61 6.46 -15.76 -8.66
CA ALA A 61 7.03 -16.31 -9.90
C ALA A 61 6.91 -15.28 -11.02
N LEU A 62 8.02 -15.00 -11.71
CA LEU A 62 8.10 -14.07 -12.88
C LEU A 62 7.54 -14.83 -14.09
N LYS A 63 6.61 -14.25 -14.85
CA LYS A 63 6.00 -14.88 -16.08
C LYS A 63 7.08 -15.30 -17.10
N GLU A 64 7.68 -14.37 -17.86
CA GLU A 64 8.78 -14.68 -18.84
C GLU A 64 10.14 -14.44 -18.19
N ALA A 65 11.22 -14.81 -18.89
CA ALA A 65 12.63 -14.69 -18.45
C ALA A 65 13.50 -14.19 -19.62
N SER A 66 13.04 -13.16 -20.34
CA SER A 66 13.63 -12.59 -21.59
C SER A 66 14.73 -11.56 -21.26
N GLU A 67 14.87 -10.50 -22.06
CA GLU A 67 15.64 -9.26 -21.73
C GLU A 67 14.73 -8.29 -20.98
N SER A 68 13.51 -8.13 -21.51
CA SER A 68 12.40 -7.27 -21.02
C SER A 68 12.15 -7.48 -19.52
N ALA A 69 11.98 -8.73 -19.07
CA ALA A 69 11.41 -9.09 -17.75
C ALA A 69 12.47 -9.51 -16.71
N ARG A 70 13.70 -9.90 -17.12
CA ARG A 70 14.83 -10.38 -16.25
C ARG A 70 15.66 -9.20 -15.72
N GLN A 71 15.86 -8.15 -16.54
CA GLN A 71 16.52 -6.88 -16.10
C GLN A 71 15.61 -6.16 -15.09
N ASP A 72 14.29 -6.12 -15.30
CA ASP A 72 13.27 -5.45 -14.41
C ASP A 72 13.19 -6.16 -13.06
N PHE A 73 13.50 -7.47 -13.04
CA PHE A 73 13.53 -8.40 -11.87
C PHE A 73 14.70 -8.06 -10.93
N GLN A 74 15.93 -8.06 -11.46
CA GLN A 74 17.16 -7.81 -10.67
C GLN A 74 17.22 -6.33 -10.29
N ARG A 75 16.42 -5.48 -10.94
CA ARG A 75 16.28 -4.04 -10.59
C ARG A 75 15.29 -3.94 -9.40
N GLU A 76 14.11 -4.53 -9.53
CA GLU A 76 13.12 -4.58 -8.43
C GLU A 76 13.74 -5.17 -7.15
N ALA A 77 14.60 -6.20 -7.24
CA ALA A 77 15.25 -6.90 -6.10
C ALA A 77 16.18 -5.96 -5.31
N GLU A 78 17.11 -5.32 -6.01
CA GLU A 78 18.05 -4.32 -5.45
C GLU A 78 17.25 -3.25 -4.71
N LEU A 79 16.23 -2.67 -5.32
CA LEU A 79 15.28 -1.71 -4.67
C LEU A 79 14.78 -2.31 -3.34
N LEU A 80 14.20 -3.52 -3.38
CA LEU A 80 13.51 -4.16 -2.22
C LEU A 80 14.51 -4.38 -1.09
N THR A 81 15.73 -4.81 -1.38
CA THR A 81 16.77 -5.10 -0.35
C THR A 81 17.12 -3.77 0.36
N MET A 82 17.17 -2.64 -0.34
CA MET A 82 17.53 -1.31 0.26
C MET A 82 16.33 -0.78 1.07
N LEU A 83 15.10 -0.99 0.58
CA LEU A 83 13.90 -0.58 1.35
C LEU A 83 13.63 -1.68 2.38
N GLN A 84 14.01 -1.50 3.62
CA GLN A 84 13.59 -2.45 4.67
C GLN A 84 13.36 -1.66 5.96
N HIS A 85 12.19 -1.83 6.60
CA HIS A 85 11.72 -1.05 7.78
C HIS A 85 10.45 -1.74 8.33
N GLN A 86 10.11 -1.50 9.60
CA GLN A 86 8.93 -2.10 10.28
C GLN A 86 7.62 -2.01 9.48
N HIS A 87 7.40 -0.96 8.66
CA HIS A 87 6.11 -0.76 7.93
C HIS A 87 6.31 -0.79 6.40
N ILE A 88 7.40 -1.37 5.91
CA ILE A 88 7.57 -1.81 4.49
C ILE A 88 7.48 -3.35 4.46
N VAL A 89 6.86 -3.94 3.44
CA VAL A 89 6.75 -5.42 3.34
C VAL A 89 8.16 -6.02 3.40
N ARG A 90 8.29 -7.14 4.13
CA ARG A 90 9.58 -7.79 4.36
C ARG A 90 9.93 -8.65 3.14
N PHE A 91 11.07 -8.37 2.52
CA PHE A 91 11.60 -9.11 1.34
C PHE A 91 12.77 -9.95 1.88
N PHE A 92 12.75 -11.26 1.73
CA PHE A 92 13.82 -12.17 2.20
C PHE A 92 14.85 -12.44 1.11
N GLY A 93 14.53 -12.30 -0.18
CA GLY A 93 15.50 -12.41 -1.29
C GLY A 93 14.98 -13.18 -2.48
N VAL A 94 15.89 -13.67 -3.33
CA VAL A 94 15.55 -14.28 -4.64
C VAL A 94 15.98 -15.76 -4.70
N CYS A 95 15.37 -16.53 -5.60
CA CYS A 95 15.91 -17.82 -6.08
C CYS A 95 16.08 -17.80 -7.62
N THR A 96 17.34 -17.87 -8.06
CA THR A 96 17.82 -17.71 -9.44
C THR A 96 18.61 -18.96 -9.84
N GLU A 97 18.19 -20.14 -9.37
CA GLU A 97 18.76 -21.47 -9.74
C GLU A 97 17.67 -22.20 -10.54
N GLY A 98 17.93 -22.38 -11.84
CA GLY A 98 16.94 -22.77 -12.87
C GLY A 98 15.88 -21.69 -13.05
N ARG A 99 14.70 -22.12 -13.48
CA ARG A 99 13.49 -21.27 -13.58
C ARG A 99 12.42 -22.10 -12.88
N PRO A 100 11.33 -21.51 -12.38
CA PRO A 100 11.04 -20.08 -12.56
C PRO A 100 11.71 -19.14 -11.55
N LEU A 101 12.10 -17.93 -11.96
CA LEU A 101 12.68 -16.93 -11.02
C LEU A 101 11.61 -16.61 -9.95
N LEU A 102 11.98 -16.66 -8.67
CA LEU A 102 11.10 -16.40 -7.50
C LEU A 102 11.70 -15.28 -6.65
N MET A 103 10.83 -14.39 -6.17
CA MET A 103 11.06 -13.44 -5.09
C MET A 103 10.30 -13.91 -3.84
N VAL A 104 10.91 -13.91 -2.68
CA VAL A 104 10.30 -14.47 -1.44
C VAL A 104 10.01 -13.35 -0.46
N PHE A 105 8.77 -13.29 0.00
CA PHE A 105 8.31 -12.29 0.96
C PHE A 105 7.66 -12.96 2.20
N GLU A 106 7.58 -12.21 3.30
CA GLU A 106 6.69 -12.44 4.47
C GLU A 106 5.25 -12.72 4.04
N TYR A 107 4.59 -13.76 4.62
CA TYR A 107 3.14 -14.05 4.43
C TYR A 107 2.30 -13.13 5.32
N MET A 108 1.31 -12.47 4.75
CA MET A 108 0.48 -11.46 5.44
C MET A 108 -0.96 -11.96 5.36
N ARG A 109 -1.50 -12.46 6.47
CA ARG A 109 -2.64 -13.40 6.44
C ARG A 109 -3.94 -12.72 6.04
N HIS A 110 -4.14 -11.43 6.31
CA HIS A 110 -5.39 -10.76 5.91
C HIS A 110 -5.37 -10.20 4.47
N GLY A 111 -4.33 -10.45 3.65
CA GLY A 111 -4.21 -9.92 2.27
C GLY A 111 -4.17 -8.40 2.21
N ASP A 112 -4.65 -7.80 1.13
CA ASP A 112 -4.48 -6.35 0.87
C ASP A 112 -5.40 -5.54 1.80
N LEU A 113 -5.04 -4.29 2.17
CA LEU A 113 -5.85 -3.44 3.08
C LEU A 113 -7.24 -3.06 2.50
N ASN A 114 -7.40 -2.98 1.17
CA ASN A 114 -8.74 -2.61 0.61
C ASN A 114 -9.74 -3.74 0.98
N ARG A 115 -9.33 -4.99 0.83
CA ARG A 115 -10.20 -6.18 1.03
C ARG A 115 -10.51 -6.31 2.54
N PHE A 116 -9.52 -6.06 3.38
CA PHE A 116 -9.72 -6.10 4.84
C PHE A 116 -10.71 -5.00 5.26
N LEU A 117 -10.54 -3.75 4.76
CA LEU A 117 -11.48 -2.65 5.14
C LEU A 117 -12.90 -3.06 4.76
N ARG A 118 -13.10 -3.62 3.58
CA ARG A 118 -14.44 -3.97 3.05
C ARG A 118 -15.11 -5.07 3.89
N SER A 119 -14.37 -5.98 4.49
CA SER A 119 -15.04 -7.08 5.23
C SER A 119 -15.10 -6.75 6.73
N HIS A 120 -14.75 -5.52 7.12
CA HIS A 120 -14.97 -5.03 8.49
C HIS A 120 -15.74 -3.72 8.43
N GLY A 121 -16.72 -3.61 7.49
CA GLY A 121 -17.56 -2.43 7.22
C GLY A 121 -19.07 -2.70 7.32
N GLY A 129 -16.03 -11.00 13.55
CA GLY A 129 -15.16 -11.23 14.71
C GLY A 129 -14.15 -12.35 14.46
N GLY A 130 -13.07 -12.39 15.24
CA GLY A 130 -11.93 -13.28 14.91
C GLY A 130 -10.82 -13.23 15.94
N GLU A 131 -9.68 -13.77 15.58
CA GLU A 131 -8.47 -13.83 16.42
C GLU A 131 -7.90 -12.41 16.65
N ASP A 132 -7.88 -11.57 15.60
CA ASP A 132 -7.14 -10.28 15.52
C ASP A 132 -8.06 -9.07 15.68
N VAL A 133 -9.34 -9.21 15.38
CA VAL A 133 -10.30 -8.09 15.38
C VAL A 133 -11.58 -8.53 16.04
N ALA A 134 -12.25 -7.60 16.73
CA ALA A 134 -13.62 -7.79 17.26
C ALA A 134 -14.63 -7.92 16.13
N PRO A 135 -15.89 -8.31 16.45
CA PRO A 135 -16.96 -8.39 15.46
C PRO A 135 -17.40 -6.94 15.26
N GLY A 136 -18.31 -6.68 14.34
CA GLY A 136 -18.76 -5.33 14.00
C GLY A 136 -17.72 -4.54 13.20
N PRO A 137 -18.10 -3.31 12.79
CA PRO A 137 -17.22 -2.33 12.19
C PRO A 137 -15.97 -1.98 13.00
N LEU A 138 -14.83 -1.74 12.36
CA LEU A 138 -13.60 -1.30 13.08
C LEU A 138 -13.89 -0.01 13.86
N GLY A 139 -13.35 0.09 15.07
CA GLY A 139 -13.55 1.27 15.93
C GLY A 139 -12.61 2.39 15.59
N LEU A 140 -12.92 3.59 16.05
CA LEU A 140 -12.10 4.79 15.84
C LEU A 140 -10.63 4.49 16.16
N GLY A 141 -10.35 3.81 17.27
CA GLY A 141 -8.97 3.57 17.69
C GLY A 141 -8.23 2.64 16.71
N GLN A 142 -8.98 1.75 16.06
CA GLN A 142 -8.42 0.77 15.12
C GLN A 142 -8.13 1.49 13.79
N LEU A 143 -9.03 2.36 13.34
CA LEU A 143 -8.92 3.08 12.05
C LEU A 143 -7.72 4.00 12.19
N LEU A 144 -7.55 4.61 13.33
CA LEU A 144 -6.35 5.45 13.63
C LEU A 144 -5.04 4.61 13.66
N ALA A 145 -5.11 3.36 14.06
CA ALA A 145 -3.89 2.53 14.24
C ALA A 145 -3.35 2.12 12.84
N VAL A 146 -4.27 1.77 11.97
CA VAL A 146 -4.02 1.51 10.52
C VAL A 146 -3.44 2.77 9.83
N ALA A 147 -4.12 3.93 9.91
CA ALA A 147 -3.65 5.17 9.29
C ALA A 147 -2.24 5.52 9.80
N SER A 148 -1.97 5.31 11.06
CA SER A 148 -0.72 5.78 11.68
C SER A 148 0.43 4.91 11.15
N GLN A 149 0.16 3.62 10.98
CA GLN A 149 1.14 2.65 10.45
C GLN A 149 1.47 3.00 8.99
N VAL A 150 0.49 3.17 8.10
CA VAL A 150 0.75 3.53 6.69
C VAL A 150 1.58 4.85 6.70
N ALA A 151 1.25 5.80 7.57
CA ALA A 151 1.97 7.11 7.62
C ALA A 151 3.43 6.85 8.01
N ALA A 152 3.72 5.91 8.91
CA ALA A 152 5.11 5.65 9.35
C ALA A 152 5.91 5.11 8.18
N GLY A 153 5.30 4.25 7.36
CA GLY A 153 5.94 3.79 6.11
C GLY A 153 6.36 4.95 5.19
N MET A 154 5.50 5.94 5.04
CA MET A 154 5.68 7.05 4.08
C MET A 154 6.74 8.03 4.65
N VAL A 155 6.90 8.10 5.97
CA VAL A 155 8.01 8.89 6.62
C VAL A 155 9.36 8.25 6.25
N TYR A 156 9.49 6.94 6.35
CA TYR A 156 10.78 6.30 5.98
C TYR A 156 11.02 6.55 4.49
N LEU A 157 10.03 6.37 3.59
CA LEU A 157 10.29 6.49 2.12
C LEU A 157 10.70 7.93 1.77
N ALA A 158 9.89 8.92 2.15
CA ALA A 158 10.18 10.38 2.06
C ALA A 158 11.53 10.76 2.71
N GLY A 159 12.00 10.00 3.68
CA GLY A 159 13.33 10.14 4.30
C GLY A 159 14.45 9.70 3.38
N LEU A 160 14.25 8.70 2.50
CA LEU A 160 15.27 8.23 1.49
C LEU A 160 15.10 8.99 0.16
N HIS A 161 14.29 10.05 0.14
CA HIS A 161 13.87 10.86 -1.05
C HIS A 161 13.25 9.97 -2.17
N PHE A 162 12.50 8.93 -1.81
CA PHE A 162 11.82 7.98 -2.73
C PHE A 162 10.34 8.35 -2.84
N VAL A 163 9.87 8.43 -4.08
CA VAL A 163 8.50 8.82 -4.48
C VAL A 163 7.75 7.57 -4.93
N HIS A 164 6.58 7.29 -4.37
CA HIS A 164 5.90 6.00 -4.62
C HIS A 164 5.12 6.02 -5.95
N ARG A 165 4.21 6.98 -6.14
CA ARG A 165 3.45 7.15 -7.41
C ARG A 165 2.15 6.33 -7.41
N ASP A 166 2.03 5.25 -6.63
CA ASP A 166 0.79 4.40 -6.57
C ASP A 166 0.38 4.06 -5.12
N LEU A 167 0.39 5.05 -4.21
CA LEU A 167 -0.02 4.80 -2.81
C LEU A 167 -1.55 4.75 -2.79
N ALA A 168 -2.10 3.62 -2.37
CA ALA A 168 -3.55 3.37 -2.14
C ALA A 168 -3.68 2.13 -1.21
N THR A 169 -4.88 1.85 -0.66
CA THR A 169 -5.07 0.73 0.32
C THR A 169 -4.80 -0.62 -0.38
N ARG A 170 -5.14 -0.73 -1.66
CA ARG A 170 -4.90 -1.95 -2.48
C ARG A 170 -3.41 -2.26 -2.53
N ASN A 171 -2.51 -1.29 -2.33
CA ASN A 171 -1.05 -1.55 -2.37
C ASN A 171 -0.45 -1.60 -0.94
N CYS A 172 -1.28 -1.78 0.11
CA CYS A 172 -0.79 -2.13 1.49
C CYS A 172 -1.30 -3.54 1.87
N LEU A 173 -0.68 -4.22 2.84
CA LEU A 173 -1.08 -5.58 3.27
C LEU A 173 -1.28 -5.56 4.79
N VAL A 174 -2.06 -6.47 5.30
CA VAL A 174 -2.33 -6.63 6.75
C VAL A 174 -1.99 -8.07 7.21
N GLY A 175 -1.20 -8.14 8.28
CA GLY A 175 -0.68 -9.37 8.87
C GLY A 175 -1.35 -9.66 10.23
N GLN A 176 -0.98 -10.80 10.82
CA GLN A 176 -1.30 -11.22 12.20
C GLN A 176 -1.11 -10.06 13.16
N GLY A 177 -2.13 -9.86 14.01
CA GLY A 177 -2.25 -8.77 15.00
C GLY A 177 -2.51 -7.40 14.38
N LEU A 178 -3.03 -7.30 13.15
CA LEU A 178 -3.22 -6.02 12.41
C LEU A 178 -1.95 -5.17 12.31
N VAL A 179 -0.83 -5.79 12.00
CA VAL A 179 0.35 -5.07 11.45
C VAL A 179 -0.01 -4.71 9.98
N VAL A 180 0.25 -3.49 9.60
CA VAL A 180 -0.02 -2.93 8.24
C VAL A 180 1.30 -2.41 7.64
N LYS A 181 1.62 -2.88 6.43
CA LYS A 181 2.91 -2.60 5.70
C LYS A 181 2.64 -2.21 4.25
N ILE A 182 3.43 -1.25 3.76
CA ILE A 182 3.30 -0.73 2.38
C ILE A 182 4.04 -1.69 1.45
N GLY A 183 3.44 -1.95 0.28
CA GLY A 183 4.10 -2.42 -0.95
C GLY A 183 3.73 -1.65 -2.24
N ASP A 184 4.12 -2.19 -3.39
CA ASP A 184 3.77 -1.65 -4.75
C ASP A 184 3.62 -2.87 -5.66
N PHE A 185 2.43 -3.45 -5.78
CA PHE A 185 2.30 -4.82 -6.37
C PHE A 185 1.91 -4.71 -7.86
N GLY A 186 2.47 -5.61 -8.68
CA GLY A 186 2.30 -5.63 -10.15
C GLY A 186 0.87 -5.95 -10.51
N MET A 187 0.28 -6.82 -9.69
CA MET A 187 -1.07 -7.43 -9.79
C MET A 187 -2.18 -6.38 -9.58
N SER A 188 -1.90 -5.22 -9.00
CA SER A 188 -2.95 -4.20 -8.68
C SER A 188 -3.62 -3.64 -9.96
N ARG A 189 -2.87 -3.38 -11.02
CA ARG A 189 -3.42 -3.00 -12.36
C ARG A 189 -4.30 -4.11 -12.95
N ASP A 190 -4.10 -5.37 -12.55
CA ASP A 190 -4.83 -6.57 -13.04
C ASP A 190 -6.08 -6.81 -12.17
N ILE A 191 -5.94 -6.88 -10.85
CA ILE A 191 -7.06 -7.22 -9.93
C ILE A 191 -7.99 -6.03 -9.76
N TYR A 192 -7.45 -4.80 -9.81
CA TYR A 192 -8.16 -3.53 -9.54
C TYR A 192 -8.04 -2.56 -10.76
N SEP A 193 -8.31 -3.02 -11.97
CA SEP A 193 -8.16 -2.18 -13.21
CB SEP A 193 -8.36 -3.02 -14.47
OG SEP A 193 -9.71 -3.46 -14.41
C SEP A 193 -9.12 -0.97 -13.20
O SEP A 193 -8.73 0.06 -13.69
P SEP A 193 -10.42 -4.05 -15.72
O1P SEP A 193 -10.35 -5.58 -15.52
O2P SEP A 193 -11.85 -3.52 -15.58
O3P SEP A 193 -9.65 -3.55 -16.95
N THR A 194 -10.29 -1.09 -12.59
CA THR A 194 -11.30 -0.01 -12.41
C THR A 194 -10.72 1.24 -11.71
N ASP A 195 -9.67 1.11 -10.89
CA ASP A 195 -8.93 2.20 -10.20
C ASP A 195 -7.85 2.84 -11.10
N TYR A 196 -7.79 2.50 -12.38
CA TYR A 196 -6.80 3.11 -13.29
C TYR A 196 -7.51 3.68 -14.52
N TYR A 197 -7.03 4.82 -15.01
CA TYR A 197 -7.36 5.35 -16.37
C TYR A 197 -6.29 4.88 -17.37
N ARG A 198 -6.70 4.22 -18.46
CA ARG A 198 -5.83 3.70 -19.55
C ARG A 198 -5.54 4.79 -20.61
N VAL A 199 -4.27 5.12 -20.83
CA VAL A 199 -3.81 6.08 -21.90
C VAL A 199 -2.81 5.40 -22.88
N GLY A 200 -2.72 5.87 -24.11
CA GLY A 200 -1.82 5.32 -25.15
C GLY A 200 -2.10 3.84 -25.43
N GLY A 201 -1.24 2.93 -24.94
CA GLY A 201 -1.34 1.51 -25.27
C GLY A 201 -1.35 0.63 -24.03
N ARG A 202 -0.23 0.67 -23.27
CA ARG A 202 0.00 -0.13 -22.04
C ARG A 202 0.36 0.78 -20.86
N THR A 203 -0.25 1.99 -20.73
CA THR A 203 -0.06 2.96 -19.60
C THR A 203 -1.34 3.12 -18.76
N MET A 204 -1.21 3.15 -17.44
CA MET A 204 -2.37 3.18 -16.52
C MET A 204 -2.12 4.13 -15.33
N LEU A 205 -2.95 5.17 -15.20
CA LEU A 205 -2.77 6.25 -14.18
C LEU A 205 -3.82 6.12 -13.08
N PRO A 206 -3.44 6.15 -11.77
CA PRO A 206 -4.44 6.14 -10.68
C PRO A 206 -5.02 7.56 -10.42
N ILE A 207 -5.70 8.13 -11.42
CA ILE A 207 -6.17 9.55 -11.36
C ILE A 207 -6.94 9.87 -10.06
N ARG A 208 -7.82 8.99 -9.55
CA ARG A 208 -8.58 9.23 -8.31
C ARG A 208 -7.65 9.56 -7.12
N TRP A 209 -6.36 9.17 -7.13
CA TRP A 209 -5.39 9.32 -5.99
C TRP A 209 -4.33 10.41 -6.28
N MET A 210 -4.38 11.06 -7.47
CA MET A 210 -3.35 12.05 -7.91
C MET A 210 -3.81 13.49 -7.69
N PRO A 211 -2.89 14.40 -7.32
CA PRO A 211 -3.21 15.83 -7.18
C PRO A 211 -3.23 16.60 -8.51
N PRO A 212 -3.77 17.85 -8.54
CA PRO A 212 -3.91 18.58 -9.80
C PRO A 212 -2.62 18.73 -10.60
N GLU A 213 -1.46 18.91 -9.94
CA GLU A 213 -0.15 19.17 -10.61
C GLU A 213 0.42 17.88 -11.21
N SER A 214 -0.08 16.73 -10.78
CA SER A 214 0.30 15.42 -11.34
C SER A 214 -0.47 15.15 -12.64
N ILE A 215 -1.77 15.42 -12.65
CA ILE A 215 -2.69 15.24 -13.81
C ILE A 215 -2.34 16.28 -14.90
N LEU A 216 -2.22 17.57 -14.55
CA LEU A 216 -2.04 18.68 -15.52
C LEU A 216 -0.61 18.70 -16.04
N TYR A 217 0.40 18.69 -15.16
CA TYR A 217 1.84 18.86 -15.50
C TYR A 217 2.65 17.55 -15.47
N ARG A 218 2.07 16.40 -15.06
CA ARG A 218 2.79 15.08 -14.95
C ARG A 218 4.02 15.15 -13.99
N LYS A 219 3.96 16.02 -12.97
CA LYS A 219 5.01 16.17 -11.91
C LYS A 219 4.62 15.30 -10.70
N PHE A 220 5.59 14.51 -10.21
CA PHE A 220 5.43 13.54 -9.11
C PHE A 220 6.53 13.78 -8.06
N THR A 221 6.12 14.17 -6.84
CA THR A 221 7.04 14.59 -5.75
C THR A 221 6.64 13.91 -4.41
N THR A 222 7.51 14.05 -3.42
CA THR A 222 7.19 13.80 -2.01
C THR A 222 5.80 14.35 -1.74
N GLU A 223 5.45 15.51 -2.31
CA GLU A 223 4.23 16.29 -1.97
C GLU A 223 3.02 15.73 -2.74
N SER A 224 3.19 15.18 -3.95
CA SER A 224 2.10 14.41 -4.60
C SER A 224 1.85 13.11 -3.79
N ASP A 225 2.87 12.54 -3.10
CA ASP A 225 2.66 11.37 -2.19
C ASP A 225 1.76 11.81 -1.03
N VAL A 226 1.97 12.97 -0.39
CA VAL A 226 1.14 13.31 0.83
C VAL A 226 -0.29 13.50 0.35
N TRP A 227 -0.52 14.13 -0.82
CA TRP A 227 -1.89 14.24 -1.40
C TRP A 227 -2.48 12.82 -1.44
N SER A 228 -1.75 11.84 -1.96
CA SER A 228 -2.21 10.44 -2.10
C SER A 228 -2.49 9.85 -0.71
N PHE A 229 -1.63 10.12 0.27
CA PHE A 229 -1.88 9.71 1.67
C PHE A 229 -3.25 10.26 2.11
N GLY A 230 -3.50 11.52 1.77
CA GLY A 230 -4.79 12.14 2.10
C GLY A 230 -5.93 11.26 1.64
N VAL A 231 -5.85 10.81 0.39
CA VAL A 231 -6.94 10.00 -0.21
C VAL A 231 -6.97 8.62 0.49
N VAL A 232 -5.82 8.07 0.93
CA VAL A 232 -5.81 6.79 1.68
C VAL A 232 -6.61 6.95 2.98
N LEU A 233 -6.43 8.08 3.68
CA LEU A 233 -7.01 8.33 5.01
C LEU A 233 -8.55 8.35 4.83
N TRP A 234 -9.01 8.89 3.70
CA TRP A 234 -10.40 8.89 3.19
C TRP A 234 -10.90 7.46 2.94
N GLU A 235 -10.15 6.61 2.22
CA GLU A 235 -10.55 5.20 2.00
C GLU A 235 -10.71 4.52 3.37
N ILE A 236 -9.76 4.69 4.29
CA ILE A 236 -9.81 4.03 5.63
C ILE A 236 -11.16 4.40 6.33
N PHE A 237 -11.51 5.71 6.38
CA PHE A 237 -12.69 6.23 7.13
C PHE A 237 -13.99 6.05 6.33
N THR A 238 -13.93 5.45 5.13
CA THR A 238 -15.13 4.94 4.38
C THR A 238 -15.09 3.42 4.22
N TYR A 239 -14.18 2.72 4.90
CA TYR A 239 -14.15 1.24 4.87
C TYR A 239 -13.94 0.73 3.43
N GLY A 240 -13.16 1.43 2.63
CA GLY A 240 -12.59 0.88 1.38
C GLY A 240 -13.28 1.39 0.14
N LYS A 241 -14.12 2.42 0.26
CA LYS A 241 -14.88 3.07 -0.86
C LYS A 241 -13.88 3.65 -1.88
N GLN A 242 -14.23 3.52 -3.18
CA GLN A 242 -13.51 4.13 -4.31
C GLN A 242 -13.74 5.63 -4.24
N PRO A 243 -12.66 6.43 -4.19
CA PRO A 243 -12.82 7.89 -4.20
C PRO A 243 -13.53 8.32 -5.50
N TRP A 244 -14.47 9.27 -5.42
CA TRP A 244 -15.34 9.74 -6.55
C TRP A 244 -16.13 8.61 -7.21
N TYR A 245 -16.48 7.52 -6.52
CA TYR A 245 -17.16 6.34 -7.18
C TYR A 245 -18.41 6.79 -7.99
N GLN A 246 -19.04 7.93 -7.74
CA GLN A 246 -20.23 8.32 -8.54
C GLN A 246 -19.84 8.76 -9.98
N LEU A 247 -18.56 9.03 -10.27
CA LEU A 247 -18.05 9.74 -11.49
C LEU A 247 -17.28 8.81 -12.46
N SER A 248 -17.48 8.94 -13.79
CA SER A 248 -16.54 8.46 -14.85
C SER A 248 -15.13 8.99 -14.60
N ASN A 249 -14.10 8.38 -15.19
CA ASN A 249 -12.67 8.83 -15.13
C ASN A 249 -12.54 10.31 -15.61
N THR A 250 -13.21 10.73 -16.71
CA THR A 250 -13.17 12.13 -17.23
C THR A 250 -13.84 13.12 -16.25
N GLU A 251 -14.99 12.77 -15.67
CA GLU A 251 -15.71 13.57 -14.62
C GLU A 251 -14.80 13.71 -13.39
N ALA A 252 -14.09 12.66 -12.93
CA ALA A 252 -13.13 12.76 -11.80
C ALA A 252 -11.97 13.74 -12.10
N ILE A 253 -11.31 13.62 -13.24
CA ILE A 253 -10.28 14.62 -13.68
C ILE A 253 -10.84 16.05 -13.72
N ASP A 254 -12.06 16.28 -14.22
CA ASP A 254 -12.65 17.64 -14.22
C ASP A 254 -12.74 18.13 -12.77
N CYS A 255 -13.31 17.33 -11.86
CA CYS A 255 -13.53 17.76 -10.45
C CYS A 255 -12.20 18.11 -9.82
N ILE A 256 -11.19 17.25 -10.01
CA ILE A 256 -9.89 17.40 -9.29
C ILE A 256 -9.20 18.65 -9.81
N THR A 257 -9.24 18.91 -11.13
CA THR A 257 -8.49 20.05 -11.74
C THR A 257 -9.19 21.38 -11.41
N GLN A 258 -10.50 21.36 -11.25
CA GLN A 258 -11.32 22.55 -10.90
C GLN A 258 -11.32 22.83 -9.40
N GLY A 259 -10.82 21.91 -8.56
CA GLY A 259 -10.45 22.17 -7.15
C GLY A 259 -11.43 21.62 -6.12
N ARG A 260 -12.33 20.71 -6.49
CA ARG A 260 -13.42 20.19 -5.62
C ARG A 260 -12.82 19.16 -4.65
N GLU A 261 -13.30 19.10 -3.40
CA GLU A 261 -12.76 18.21 -2.32
C GLU A 261 -13.74 17.07 -2.05
N LEU A 262 -13.22 15.86 -1.76
CA LEU A 262 -14.01 14.70 -1.31
C LEU A 262 -14.67 15.10 0.03
N GLU A 263 -15.91 14.65 0.27
CA GLU A 263 -16.70 15.02 1.48
C GLU A 263 -16.10 14.30 2.70
N ARG A 264 -16.35 14.80 3.90
CA ARG A 264 -16.07 14.14 5.20
C ARG A 264 -16.88 12.85 5.33
N PRO A 265 -16.21 11.69 5.43
CA PRO A 265 -16.90 10.45 5.74
C PRO A 265 -17.65 10.47 7.08
N ARG A 266 -18.79 9.78 7.20
CA ARG A 266 -19.63 9.77 8.45
C ARG A 266 -18.71 9.49 9.65
N ALA A 267 -18.03 8.33 9.63
CA ALA A 267 -17.18 7.80 10.70
C ALA A 267 -15.96 8.70 10.93
N CYS A 268 -15.81 9.82 10.21
CA CYS A 268 -14.59 10.65 10.29
C CYS A 268 -14.84 11.83 11.24
N PRO A 269 -14.12 11.94 12.37
CA PRO A 269 -14.24 13.11 13.23
C PRO A 269 -13.62 14.34 12.56
N PRO A 270 -14.24 15.54 12.71
CA PRO A 270 -13.70 16.81 12.22
C PRO A 270 -12.18 17.05 12.43
N GLU A 271 -11.61 16.62 13.57
CA GLU A 271 -10.17 16.74 13.88
C GLU A 271 -9.34 15.98 12.83
N VAL A 272 -9.85 14.85 12.33
CA VAL A 272 -9.17 13.94 11.34
C VAL A 272 -9.38 14.50 9.91
N TYR A 273 -10.62 14.84 9.52
CA TYR A 273 -10.94 15.53 8.26
C TYR A 273 -10.08 16.79 8.11
N ALA A 274 -9.55 17.33 9.21
CA ALA A 274 -8.70 18.54 9.14
C ALA A 274 -7.30 18.13 8.71
N ILE A 275 -6.91 16.89 9.01
CA ILE A 275 -5.56 16.36 8.61
C ILE A 275 -5.65 15.96 7.14
N MET A 276 -6.81 15.49 6.68
CA MET A 276 -7.03 15.20 5.25
C MET A 276 -6.86 16.53 4.49
N ARG A 277 -7.63 17.56 4.88
CA ARG A 277 -7.59 18.90 4.22
C ARG A 277 -6.13 19.35 4.17
N GLY A 278 -5.37 19.18 5.26
CA GLY A 278 -3.96 19.62 5.28
C GLY A 278 -3.12 19.02 4.17
N CYS A 279 -3.45 17.80 3.73
CA CYS A 279 -2.81 17.01 2.64
C CYS A 279 -3.28 17.48 1.25
N TRP A 280 -4.45 18.12 1.15
CA TRP A 280 -5.09 18.54 -0.12
C TRP A 280 -4.95 20.07 -0.42
N GLN A 281 -3.91 20.75 0.06
CA GLN A 281 -3.75 22.22 -0.19
C GLN A 281 -3.27 22.35 -1.64
N ARG A 282 -3.94 23.16 -2.45
CA ARG A 282 -3.85 23.13 -3.95
C ARG A 282 -2.38 23.32 -4.38
N GLU A 283 -1.63 24.15 -3.64
CA GLU A 283 -0.20 24.48 -3.91
C GLU A 283 0.69 23.46 -3.20
N PRO A 284 1.50 22.68 -3.96
CA PRO A 284 2.32 21.62 -3.36
C PRO A 284 3.07 22.02 -2.07
N GLN A 285 3.67 23.23 -2.04
CA GLN A 285 4.61 23.72 -0.98
C GLN A 285 3.89 24.11 0.32
N GLN A 286 2.56 24.27 0.28
CA GLN A 286 1.64 24.57 1.41
C GLN A 286 1.09 23.29 2.10
N ARG A 287 1.38 22.10 1.58
CA ARG A 287 0.89 20.85 2.21
C ARG A 287 1.76 20.54 3.44
N HIS A 288 1.18 20.03 4.53
CA HIS A 288 1.93 19.58 5.74
C HIS A 288 2.89 18.45 5.36
N SER A 289 4.08 18.35 5.97
CA SER A 289 5.02 17.22 5.72
C SER A 289 4.41 15.94 6.32
N ILE A 290 4.85 14.80 5.83
CA ILE A 290 4.26 13.47 6.21
C ILE A 290 4.62 13.21 7.68
N LYS A 291 5.75 13.79 8.12
CA LYS A 291 6.31 13.65 9.50
C LYS A 291 5.31 14.27 10.51
N ASP A 292 4.79 15.47 10.22
CA ASP A 292 3.72 16.14 11.00
C ASP A 292 2.43 15.30 10.99
N VAL A 293 2.07 14.71 9.85
CA VAL A 293 0.80 13.93 9.69
C VAL A 293 0.90 12.66 10.55
N HIS A 294 2.02 11.94 10.48
CA HIS A 294 2.24 10.72 11.30
C HIS A 294 2.12 11.17 12.76
N ALA A 295 2.81 12.26 13.12
CA ALA A 295 2.80 12.79 14.50
C ALA A 295 1.34 12.95 14.97
N ARG A 296 0.53 13.67 14.19
CA ARG A 296 -0.88 13.95 14.57
C ARG A 296 -1.63 12.61 14.72
N LEU A 297 -1.44 11.64 13.81
CA LEU A 297 -2.17 10.33 13.81
C LEU A 297 -1.72 9.41 14.94
N GLN A 298 -0.42 9.30 15.23
CA GLN A 298 0.08 8.39 16.29
C GLN A 298 -0.42 8.88 17.67
N ALA A 299 -0.25 10.18 17.96
CA ALA A 299 -0.77 10.79 19.20
C ALA A 299 -2.24 10.43 19.34
N LEU A 300 -3.03 10.51 18.28
CA LEU A 300 -4.48 10.20 18.40
C LEU A 300 -4.65 8.71 18.67
N ALA A 301 -3.98 7.85 17.90
CA ALA A 301 -4.23 6.40 18.02
C ALA A 301 -3.93 5.93 19.43
N GLN A 302 -2.95 6.56 20.08
CA GLN A 302 -2.43 6.16 21.39
C GLN A 302 -3.20 6.90 22.48
N ALA A 303 -4.14 7.79 22.13
CA ALA A 303 -4.76 8.70 23.11
C ALA A 303 -5.62 7.89 24.08
N PRO A 304 -5.72 8.35 25.35
CA PRO A 304 -6.60 7.70 26.31
C PRO A 304 -8.00 7.64 25.68
N PRO A 305 -8.72 6.51 25.84
CA PRO A 305 -10.13 6.38 25.50
C PRO A 305 -11.09 7.51 25.87
N VAL A 306 -11.11 7.94 27.14
CA VAL A 306 -11.89 9.11 27.67
C VAL A 306 -11.83 10.24 26.65
N TYR A 307 -10.73 10.37 25.91
CA TYR A 307 -10.49 11.43 24.90
C TYR A 307 -11.10 11.03 23.54
N LEU A 308 -10.95 9.77 23.09
CA LEU A 308 -11.46 9.33 21.75
C LEU A 308 -12.98 9.30 21.71
N ASP A 309 -13.60 8.97 22.85
CA ASP A 309 -15.06 8.89 23.10
C ASP A 309 -15.76 10.19 22.77
N VAL A 310 -15.15 11.35 23.00
CA VAL A 310 -15.78 12.66 22.67
C VAL A 310 -15.14 13.32 21.46
N LEU A 311 -14.60 12.55 20.52
CA LEU A 311 -14.05 13.15 19.27
C LEU A 311 -15.13 13.17 18.17
C4 OQJ B . 8.32 0.33 -3.82
C14 OQJ B . 1.45 -11.04 -1.29
C5 OQJ B . 7.80 -0.56 -2.90
C6 OQJ B . 7.57 -1.88 -3.19
C11 OQJ B . 3.98 -8.33 -5.84
C7 OQJ B . 7.84 -2.35 -4.47
C8 OQJ B . 6.66 -4.56 -4.18
C9 OQJ B . 5.52 -6.76 -4.81
C10 OQJ B . 4.93 -7.32 -5.95
C12 OQJ B . 3.69 -8.85 -4.58
C13 OQJ B . 2.56 -9.90 -3.04
N1 OQJ B . 7.56 -3.71 -4.78
N2 OQJ B . 6.51 -5.73 -4.91
C3 OQJ B . 8.61 -0.13 -5.10
N3 OQJ B . 2.79 -9.88 -4.31
C1 OQJ B . 8.84 -1.14 -7.80
O1 OQJ B . 8.62 -2.01 -6.67
C2 OQJ B . 8.38 -1.46 -5.43
CL1 OQJ B . 7.51 -0.04 -1.27
O2 OQJ B . 6.07 -4.31 -3.11
N4 OQJ B . 1.45 -10.41 -2.54
O3 OQJ B . 2.51 -11.11 -0.65
C15 OQJ B . 0.18 -11.62 -0.76
C16 OQJ B . -0.81 -12.11 -1.64
C17 OQJ B . -1.99 -12.63 -1.14
C18 OQJ B . -2.18 -12.73 0.23
C19 OQJ B . -1.21 -12.24 1.10
C20 OQJ B . -0.02 -11.71 0.62
S1 OQJ B . 3.76 -9.15 -1.97
C21 OQJ B . 4.35 -8.35 -3.43
C22 OQJ B . 5.23 -7.27 -3.53
#